data_6PPY
#
_entry.id   6PPY
#
_cell.length_a   58.110
_cell.length_b   76.040
_cell.length_c   77.570
_cell.angle_alpha   90.000
_cell.angle_beta   90.000
_cell.angle_gamma   90.000
#
_symmetry.space_group_name_H-M   'P 21 21 2'
#
loop_
_entity.id
_entity.type
_entity.pdbx_description
1 polymer 'N-acetylneuraminate synthase'
2 non-polymer '(2E,4S,5R,6R,7S,8R)-5-(acetylamino)-4,6,7,8,9-pentahydroxy-2-(hydroxyimino)nonanoic acid (non-preferred name)'
3 water water
#
_entity_poly.entity_id   1
_entity_poly.type   'polypeptide(L)'
_entity_poly.pdbx_seq_one_letter_code
;MQNNNEFKIGNRSVGYNHEPLIICEIGINHEGSLKTAFEMVDAAYNAGAEVVKHQTHIVEDEMSDEAKQVIPGNADVSIY
EIMERCALNEEDEIKLKEYVESKGMIFISTPFSRAAALRLQRMDIPAYKIGSGECNNYPLIKLVASFGKPIILSTGMNSI
ESIKKSVEIIREAGVPYALLHCTNIYPTPYEDVRLGGMNDLSEAFPDAIIGLSDHTLDNYACLGAVALGGSILERHFTDR
MDRPGPDIVCSMNPDTFKELKQGAHALKLARGGKKDTIIAGEKPTKDFAFASVVADKDIKKGELLSGDNLWVKRPGNGDF
SVNEYETLFGKVAACNIRKGAQIKKTDIE
;
_entity_poly.pdbx_strand_id   A
#
loop_
_chem_comp.id
_chem_comp.type
_chem_comp.name
_chem_comp.formula
OVY non-polymer '(2E,4S,5R,6R,7S,8R)-5-(acetylamino)-4,6,7,8,9-pentahydroxy-2-(hydroxyimino)nonanoic acid (non-preferred name)' 'C11 H20 N2 O9'
#
# COMPACT_ATOMS: atom_id res chain seq x y z
N GLN A 2 -8.78 6.45 -7.42
CA GLN A 2 -7.79 5.67 -8.17
C GLN A 2 -8.42 4.55 -8.99
N ASN A 3 -9.16 3.67 -8.32
CA ASN A 3 -9.90 2.60 -8.99
C ASN A 3 -10.77 1.88 -7.97
N ASN A 4 -11.64 1.00 -8.48
CA ASN A 4 -12.58 0.25 -7.64
C ASN A 4 -12.37 -1.26 -7.73
N ASN A 5 -11.19 -1.72 -8.20
CA ASN A 5 -10.93 -3.15 -8.26
C ASN A 5 -10.88 -3.73 -6.86
N GLU A 6 -11.42 -4.94 -6.70
CA GLU A 6 -11.51 -5.58 -5.41
C GLU A 6 -11.71 -7.07 -5.63
N PHE A 7 -11.23 -7.86 -4.68
CA PHE A 7 -11.61 -9.26 -4.58
C PHE A 7 -11.48 -9.67 -3.13
N LYS A 8 -11.88 -10.90 -2.82
CA LYS A 8 -11.84 -11.39 -1.44
C LYS A 8 -10.79 -12.48 -1.30
N ILE A 9 -10.07 -12.43 -0.18
CA ILE A 9 -9.21 -13.51 0.28
C ILE A 9 -9.93 -14.11 1.49
N GLY A 10 -10.62 -15.21 1.27
CA GLY A 10 -11.53 -15.69 2.29
C GLY A 10 -12.60 -14.64 2.55
N ASN A 11 -12.70 -14.17 3.80
CA ASN A 11 -13.67 -13.16 4.18
C ASN A 11 -13.09 -11.74 4.17
N ARG A 12 -11.93 -11.55 3.55
CA ARG A 12 -11.23 -10.25 3.59
C ARG A 12 -11.23 -9.62 2.21
N SER A 13 -11.93 -8.49 2.08
CA SER A 13 -11.93 -7.68 0.87
C SER A 13 -10.62 -6.91 0.75
N VAL A 14 -10.03 -6.91 -0.44
CA VAL A 14 -8.82 -6.14 -0.68
C VAL A 14 -9.07 -5.29 -1.90
N GLY A 15 -8.48 -4.10 -1.90
CA GLY A 15 -8.71 -3.12 -2.95
C GLY A 15 -8.50 -1.71 -2.43
N TYR A 16 -8.44 -0.78 -3.39
CA TYR A 16 -8.16 0.62 -3.07
C TYR A 16 -9.21 1.21 -2.13
N ASN A 17 -10.49 0.84 -2.30
CA ASN A 17 -11.54 1.32 -1.39
C ASN A 17 -11.58 0.58 -0.05
N HIS A 18 -10.66 -0.33 0.20
CA HIS A 18 -10.70 -1.11 1.43
C HIS A 18 -9.51 -0.75 2.30
N GLU A 19 -9.53 -1.27 3.52
CA GLU A 19 -8.39 -1.11 4.40
C GLU A 19 -7.19 -1.84 3.81
N PRO A 20 -6.01 -1.21 3.76
CA PRO A 20 -4.83 -1.92 3.28
C PRO A 20 -4.64 -3.21 4.07
N LEU A 21 -4.18 -4.25 3.38
CA LEU A 21 -3.93 -5.54 4.01
C LEU A 21 -2.44 -5.76 4.14
N ILE A 22 -1.97 -6.06 5.35
CA ILE A 22 -0.56 -6.36 5.59
C ILE A 22 -0.39 -7.88 5.63
N ILE A 23 0.47 -8.40 4.77
CA ILE A 23 0.80 -9.83 4.80
C ILE A 23 2.06 -10.04 5.64
N CYS A 24 1.91 -10.84 6.70
CA CYS A 24 3.04 -11.16 7.59
C CYS A 24 3.71 -12.36 6.97
N GLU A 25 4.85 -12.14 6.29
CA GLU A 25 5.52 -13.23 5.57
C GLU A 25 6.45 -13.93 6.54
N ILE A 26 6.05 -15.12 7.00
CA ILE A 26 6.94 -15.87 7.88
C ILE A 26 7.96 -16.63 7.06
N GLY A 27 7.58 -17.07 5.86
CA GLY A 27 8.56 -17.57 4.91
C GLY A 27 9.34 -18.74 5.46
N ILE A 28 10.67 -18.66 5.36
CA ILE A 28 11.57 -19.63 5.95
C ILE A 28 12.11 -19.16 7.29
N ASN A 29 11.49 -18.15 7.91
CA ASN A 29 12.03 -17.59 9.15
C ASN A 29 12.05 -18.60 10.30
N HIS A 30 11.20 -19.62 10.25
CA HIS A 30 11.13 -20.62 11.32
C HIS A 30 12.30 -21.60 11.29
N GLU A 31 13.14 -21.53 10.25
CA GLU A 31 14.33 -22.36 10.12
C GLU A 31 14.00 -23.84 10.24
N GLY A 32 12.82 -24.23 9.76
CA GLY A 32 12.41 -25.61 9.71
C GLY A 32 11.78 -26.15 10.98
N SER A 33 11.72 -25.36 12.05
CA SER A 33 11.16 -25.80 13.33
C SER A 33 9.70 -25.33 13.47
N LEU A 34 8.77 -26.29 13.50
CA LEU A 34 7.38 -25.98 13.78
C LEU A 34 7.21 -25.21 15.08
N LYS A 35 8.02 -25.53 16.10
CA LYS A 35 7.93 -24.78 17.36
C LYS A 35 8.24 -23.31 17.14
N THR A 36 9.32 -23.01 16.42
CA THR A 36 9.64 -21.61 16.12
C THR A 36 8.54 -20.97 15.27
N ALA A 37 8.02 -21.71 14.28
CA ALA A 37 6.93 -21.20 13.46
C ALA A 37 5.69 -20.86 14.29
N PHE A 38 5.36 -21.68 15.29
CA PHE A 38 4.21 -21.35 16.13
C PHE A 38 4.48 -20.12 16.97
N GLU A 39 5.69 -20.00 17.52
CA GLU A 39 6.03 -18.80 18.28
C GLU A 39 5.93 -17.55 17.42
N MET A 40 6.20 -17.66 16.13
CA MET A 40 6.03 -16.52 15.23
C MET A 40 4.57 -16.27 14.88
N VAL A 41 3.79 -17.34 14.67
CA VAL A 41 2.35 -17.16 14.46
C VAL A 41 1.70 -16.52 15.70
N ASP A 42 2.09 -16.98 16.90
CA ASP A 42 1.61 -16.32 18.11
C ASP A 42 1.96 -14.83 18.09
N ALA A 43 3.20 -14.49 17.79
CA ALA A 43 3.58 -13.08 17.78
C ALA A 43 2.73 -12.27 16.79
N ALA A 44 2.45 -12.84 15.61
CA ALA A 44 1.66 -12.11 14.62
C ALA A 44 0.24 -11.90 15.09
N TYR A 45 -0.41 -12.97 15.57
CA TYR A 45 -1.76 -12.85 16.10
C TYR A 45 -1.84 -11.77 17.17
N ASN A 46 -0.92 -11.82 18.15
CA ASN A 46 -0.95 -10.91 19.28
C ASN A 46 -0.73 -9.47 18.83
N ALA A 47 0.00 -9.27 17.73
CA ALA A 47 0.18 -7.94 17.19
C ALA A 47 -1.02 -7.42 16.40
N GLY A 48 -2.05 -8.24 16.19
CA GLY A 48 -3.18 -7.80 15.39
C GLY A 48 -3.10 -8.21 13.94
N ALA A 49 -2.28 -9.19 13.61
CA ALA A 49 -2.12 -9.60 12.24
C ALA A 49 -3.40 -10.25 11.71
N GLU A 50 -3.65 -10.03 10.43
CA GLU A 50 -4.77 -10.63 9.70
C GLU A 50 -4.34 -11.83 8.86
N VAL A 51 -3.16 -11.81 8.26
CA VAL A 51 -2.72 -12.83 7.32
C VAL A 51 -1.31 -13.26 7.67
N VAL A 52 -1.07 -14.57 7.65
CA VAL A 52 0.28 -15.12 7.75
C VAL A 52 0.57 -15.86 6.45
N LYS A 53 1.68 -15.52 5.80
CA LYS A 53 2.09 -16.20 4.59
C LYS A 53 3.30 -17.08 4.86
N HIS A 54 3.22 -18.29 4.35
CA HIS A 54 4.28 -19.28 4.39
C HIS A 54 4.96 -19.35 3.03
N GLN A 55 6.03 -20.15 2.95
CA GLN A 55 6.62 -20.60 1.70
C GLN A 55 6.59 -22.12 1.68
N THR A 56 6.11 -22.69 0.58
CA THR A 56 6.00 -24.14 0.48
C THR A 56 7.15 -24.65 -0.39
N HIS A 57 8.14 -25.25 0.25
CA HIS A 57 9.35 -25.72 -0.42
C HIS A 57 9.36 -27.24 -0.43
N ILE A 58 9.41 -27.81 -1.63
CA ILE A 58 9.58 -29.24 -1.86
C ILE A 58 10.83 -29.34 -2.72
N VAL A 59 11.99 -29.60 -2.09
CA VAL A 59 13.27 -29.28 -2.74
C VAL A 59 13.42 -30.03 -4.06
N GLU A 60 12.98 -31.29 -4.11
CA GLU A 60 13.23 -32.12 -5.29
C GLU A 60 12.46 -31.63 -6.51
N ASP A 61 11.23 -31.15 -6.33
CA ASP A 61 10.46 -30.65 -7.46
C ASP A 61 10.78 -29.19 -7.77
N GLU A 62 11.50 -28.52 -6.88
CA GLU A 62 11.80 -27.11 -6.94
C GLU A 62 13.09 -26.80 -7.69
N MET A 63 14.07 -27.68 -7.58
CA MET A 63 15.44 -27.44 -7.99
C MET A 63 16.00 -28.71 -8.59
N SER A 64 16.72 -28.57 -9.71
CA SER A 64 17.56 -29.64 -10.20
C SER A 64 18.89 -29.61 -9.45
N ASP A 65 19.71 -30.64 -9.70
CA ASP A 65 20.97 -30.75 -8.96
C ASP A 65 21.83 -29.50 -9.08
N GLU A 66 21.64 -28.71 -10.15
CA GLU A 66 22.40 -27.48 -10.31
C GLU A 66 22.22 -26.51 -9.14
N ALA A 67 21.07 -26.55 -8.44
CA ALA A 67 20.86 -25.61 -7.34
C ALA A 67 21.78 -25.89 -6.16
N LYS A 68 22.41 -27.06 -6.12
CA LYS A 68 23.36 -27.36 -5.05
C LYS A 68 24.70 -26.65 -5.26
N GLN A 69 24.83 -25.88 -6.35
CA GLN A 69 26.06 -25.17 -6.67
C GLN A 69 25.92 -23.65 -6.72
N VAL A 70 24.75 -23.09 -6.41
CA VAL A 70 24.55 -21.65 -6.50
C VAL A 70 24.12 -21.09 -5.16
N ILE A 71 24.66 -19.93 -4.81
CA ILE A 71 24.51 -19.28 -3.51
C ILE A 71 23.64 -18.04 -3.68
N PRO A 72 22.64 -17.82 -2.84
CA PRO A 72 21.87 -16.57 -2.91
C PRO A 72 22.70 -15.39 -2.43
N GLY A 73 22.19 -14.18 -2.71
CA GLY A 73 22.87 -12.97 -2.28
C GLY A 73 22.95 -12.79 -0.77
N ASN A 74 21.93 -13.21 -0.04
CA ASN A 74 21.88 -13.04 1.41
C ASN A 74 22.23 -14.32 2.16
N ALA A 75 23.19 -15.10 1.65
CA ALA A 75 23.66 -16.29 2.32
C ALA A 75 25.01 -16.68 1.74
N ASP A 76 25.64 -17.69 2.36
CA ASP A 76 26.95 -18.17 1.95
C ASP A 76 26.97 -19.68 1.70
N VAL A 77 25.82 -20.34 1.74
CA VAL A 77 25.70 -21.73 1.32
C VAL A 77 24.66 -21.81 0.21
N SER A 78 24.58 -22.97 -0.43
CA SER A 78 23.77 -23.12 -1.63
C SER A 78 22.28 -22.95 -1.32
N ILE A 79 21.53 -22.49 -2.34
CA ILE A 79 20.10 -22.33 -2.15
C ILE A 79 19.48 -23.69 -1.80
N TYR A 80 20.05 -24.78 -2.32
CA TYR A 80 19.52 -26.11 -2.01
C TYR A 80 19.68 -26.43 -0.53
N GLU A 81 20.86 -26.12 0.02
CA GLU A 81 21.09 -26.37 1.45
C GLU A 81 20.10 -25.58 2.30
N ILE A 82 19.92 -24.29 2.00
CA ILE A 82 19.01 -23.46 2.78
C ILE A 82 17.62 -24.07 2.81
N MET A 83 17.09 -24.45 1.64
CA MET A 83 15.73 -24.96 1.55
C MET A 83 15.59 -26.34 2.19
N GLU A 84 16.60 -27.19 2.01
CA GLU A 84 16.59 -28.48 2.71
C GLU A 84 16.47 -28.28 4.22
N ARG A 85 17.18 -27.29 4.76
CA ARG A 85 17.19 -27.03 6.20
C ARG A 85 15.88 -26.41 6.69
N CYS A 86 15.26 -25.55 5.89
CA CYS A 86 14.14 -24.72 6.32
C CYS A 86 12.78 -25.31 5.94
N ALA A 87 12.76 -26.20 4.95
CA ALA A 87 11.51 -26.72 4.42
C ALA A 87 10.74 -27.50 5.46
N LEU A 88 9.46 -27.18 5.60
CA LEU A 88 8.53 -27.98 6.38
C LEU A 88 7.92 -29.06 5.49
N ASN A 89 7.86 -30.28 6.03
CA ASN A 89 7.21 -31.33 5.25
C ASN A 89 5.70 -31.13 5.27
N GLU A 90 4.99 -31.96 4.51
CA GLU A 90 3.56 -31.76 4.33
C GLU A 90 2.83 -31.84 5.67
N GLU A 91 3.13 -32.85 6.48
CA GLU A 91 2.45 -33.01 7.75
CA GLU A 91 2.44 -33.01 7.76
C GLU A 91 2.60 -31.76 8.62
N ASP A 92 3.83 -31.26 8.76
CA ASP A 92 4.05 -30.07 9.58
C ASP A 92 3.37 -28.84 8.98
N GLU A 93 3.43 -28.68 7.65
CA GLU A 93 2.84 -27.49 7.07
C GLU A 93 1.33 -27.46 7.28
N ILE A 94 0.67 -28.62 7.21
CA ILE A 94 -0.75 -28.69 7.52
C ILE A 94 -0.98 -28.29 8.98
N LYS A 95 -0.13 -28.76 9.90
CA LYS A 95 -0.21 -28.28 11.28
C LYS A 95 -0.07 -26.78 11.36
N LEU A 96 0.81 -26.20 10.55
CA LEU A 96 0.96 -24.74 10.53
C LEU A 96 -0.33 -24.05 10.11
N LYS A 97 -0.96 -24.53 9.04
CA LYS A 97 -2.18 -23.89 8.57
C LYS A 97 -3.27 -23.98 9.62
N GLU A 98 -3.50 -25.18 10.17
CA GLU A 98 -4.46 -25.31 11.26
C GLU A 98 -4.19 -24.28 12.35
N TYR A 99 -2.92 -24.17 12.76
CA TYR A 99 -2.58 -23.29 13.87
C TYR A 99 -2.90 -21.84 13.53
N VAL A 100 -2.51 -21.38 12.34
CA VAL A 100 -2.79 -20.01 11.94
C VAL A 100 -4.29 -19.75 11.98
N GLU A 101 -5.08 -20.68 11.45
CA GLU A 101 -6.52 -20.48 11.47
C GLU A 101 -7.10 -20.66 12.86
N SER A 102 -6.45 -21.45 13.72
CA SER A 102 -6.92 -21.51 15.10
C SER A 102 -6.78 -20.17 15.80
N LYS A 103 -5.90 -19.30 15.31
CA LYS A 103 -5.74 -17.98 15.86
C LYS A 103 -6.60 -16.94 15.15
N GLY A 104 -7.50 -17.38 14.29
CA GLY A 104 -8.40 -16.46 13.62
C GLY A 104 -7.80 -15.75 12.44
N MET A 105 -6.62 -16.15 11.99
CA MET A 105 -5.95 -15.49 10.88
C MET A 105 -6.12 -16.30 9.60
N ILE A 106 -5.86 -15.65 8.47
CA ILE A 106 -5.89 -16.32 7.17
C ILE A 106 -4.50 -16.87 6.87
N PHE A 107 -4.43 -18.13 6.47
CA PHE A 107 -3.19 -18.76 6.02
C PHE A 107 -3.14 -18.74 4.49
N ILE A 108 -2.09 -18.16 3.92
CA ILE A 108 -1.77 -18.38 2.51
C ILE A 108 -0.29 -18.73 2.41
N SER A 109 0.14 -19.07 1.21
CA SER A 109 1.52 -19.50 1.03
C SER A 109 1.96 -19.27 -0.41
N THR A 110 3.28 -19.30 -0.58
CA THR A 110 3.91 -19.21 -1.90
C THR A 110 4.42 -20.59 -2.28
N PRO A 111 3.94 -21.17 -3.38
CA PRO A 111 4.54 -22.40 -3.90
C PRO A 111 5.70 -22.07 -4.83
N PHE A 112 6.78 -22.84 -4.70
CA PHE A 112 7.95 -22.68 -5.55
C PHE A 112 8.07 -23.83 -6.54
N SER A 113 7.06 -24.70 -6.61
CA SER A 113 7.13 -25.88 -7.47
C SER A 113 5.72 -26.33 -7.78
N ARG A 114 5.62 -27.11 -8.85
CA ARG A 114 4.36 -27.73 -9.20
C ARG A 114 3.82 -28.56 -8.05
N ALA A 115 4.71 -29.34 -7.41
CA ALA A 115 4.27 -30.22 -6.34
C ALA A 115 3.79 -29.42 -5.13
N ALA A 116 4.51 -28.35 -4.77
CA ALA A 116 4.05 -27.47 -3.70
C ALA A 116 2.70 -26.85 -4.06
N ALA A 117 2.50 -26.48 -5.33
CA ALA A 117 1.21 -25.96 -5.74
C ALA A 117 0.10 -26.99 -5.52
N LEU A 118 0.37 -28.25 -5.88
CA LEU A 118 -0.63 -29.29 -5.67
C LEU A 118 -0.86 -29.56 -4.19
N ARG A 119 0.18 -29.47 -3.35
CA ARG A 119 -0.01 -29.64 -1.91
C ARG A 119 -0.92 -28.54 -1.34
N LEU A 120 -0.73 -27.29 -1.78
CA LEU A 120 -1.57 -26.21 -1.28
C LEU A 120 -3.01 -26.34 -1.75
N GLN A 121 -3.23 -26.85 -2.96
CA GLN A 121 -4.60 -27.08 -3.40
C GLN A 121 -5.28 -28.13 -2.53
N ARG A 122 -4.57 -29.21 -2.18
CA ARG A 122 -5.12 -30.20 -1.26
C ARG A 122 -5.54 -29.53 0.06
N MET A 123 -4.73 -28.61 0.57
CA MET A 123 -5.10 -27.88 1.78
C MET A 123 -6.17 -26.81 1.54
N ASP A 124 -6.50 -26.50 0.28
CA ASP A 124 -7.63 -25.63 -0.03
C ASP A 124 -7.40 -24.22 0.53
N ILE A 125 -6.21 -23.70 0.30
CA ILE A 125 -5.88 -22.37 0.78
C ILE A 125 -6.72 -21.37 0.00
N PRO A 126 -7.07 -20.21 0.58
CA PRO A 126 -8.01 -19.31 -0.09
C PRO A 126 -7.39 -18.45 -1.18
N ALA A 127 -6.06 -18.34 -1.23
CA ALA A 127 -5.42 -17.51 -2.23
C ALA A 127 -3.96 -17.91 -2.34
N TYR A 128 -3.36 -17.61 -3.49
CA TYR A 128 -2.00 -18.03 -3.81
C TYR A 128 -1.11 -16.81 -4.04
N LYS A 129 0.06 -16.83 -3.43
CA LYS A 129 1.12 -15.86 -3.73
C LYS A 129 2.11 -16.50 -4.71
N ILE A 130 2.51 -15.74 -5.72
CA ILE A 130 3.57 -16.13 -6.65
C ILE A 130 4.72 -15.17 -6.41
N GLY A 131 5.85 -15.71 -5.96
CA GLY A 131 7.02 -14.88 -5.74
C GLY A 131 7.66 -14.43 -7.04
N SER A 132 8.45 -13.35 -6.94
CA SER A 132 9.05 -12.75 -8.12
C SER A 132 9.90 -13.75 -8.90
N GLY A 133 10.57 -14.67 -8.23
CA GLY A 133 11.34 -15.69 -8.95
C GLY A 133 10.50 -16.50 -9.92
N GLU A 134 9.20 -16.64 -9.66
CA GLU A 134 8.30 -17.45 -10.47
C GLU A 134 7.36 -16.58 -11.28
N CYS A 135 7.59 -15.28 -11.32
CA CYS A 135 6.64 -14.44 -12.04
C CYS A 135 6.74 -14.70 -13.55
N ASN A 136 7.87 -15.19 -14.04
CA ASN A 136 7.99 -15.57 -15.44
C ASN A 136 7.95 -17.08 -15.62
N ASN A 137 7.59 -17.83 -14.58
CA ASN A 137 7.42 -19.28 -14.69
C ASN A 137 6.00 -19.55 -15.18
N TYR A 138 5.78 -19.32 -16.48
CA TYR A 138 4.42 -19.40 -17.02
C TYR A 138 3.80 -20.77 -16.84
N PRO A 139 4.53 -21.88 -16.92
CA PRO A 139 3.91 -23.18 -16.62
C PRO A 139 3.41 -23.29 -15.19
N LEU A 140 4.15 -22.75 -14.22
CA LEU A 140 3.67 -22.77 -12.83
C LEU A 140 2.46 -21.86 -12.63
N ILE A 141 2.48 -20.68 -13.24
CA ILE A 141 1.33 -19.78 -13.16
C ILE A 141 0.10 -20.43 -13.78
N LYS A 142 0.27 -21.07 -14.94
CA LYS A 142 -0.82 -21.82 -15.55
C LYS A 142 -1.44 -22.79 -14.56
N LEU A 143 -0.59 -23.57 -13.88
CA LEU A 143 -1.09 -24.57 -12.95
C LEU A 143 -1.83 -23.90 -11.79
N VAL A 144 -1.18 -22.95 -11.13
CA VAL A 144 -1.83 -22.29 -10.00
C VAL A 144 -3.13 -21.64 -10.42
N ALA A 145 -3.15 -20.93 -11.56
CA ALA A 145 -4.38 -20.25 -11.95
C ALA A 145 -5.53 -21.22 -12.15
N SER A 146 -5.23 -22.45 -12.58
CA SER A 146 -6.27 -23.46 -12.78
C SER A 146 -6.94 -23.87 -11.48
N PHE A 147 -6.41 -23.48 -10.33
CA PHE A 147 -7.05 -23.85 -9.08
C PHE A 147 -8.30 -23.03 -8.80
N GLY A 148 -8.47 -21.88 -9.46
CA GLY A 148 -9.66 -21.08 -9.27
C GLY A 148 -9.66 -20.14 -8.08
N LYS A 149 -8.51 -19.91 -7.44
CA LYS A 149 -8.45 -18.94 -6.36
C LYS A 149 -7.74 -17.68 -6.82
N PRO A 150 -7.91 -16.56 -6.11
CA PRO A 150 -7.18 -15.35 -6.48
C PRO A 150 -5.68 -15.54 -6.33
N ILE A 151 -4.93 -14.74 -7.09
CA ILE A 151 -3.48 -14.79 -7.14
C ILE A 151 -2.92 -13.41 -6.80
N ILE A 152 -1.90 -13.38 -5.96
CA ILE A 152 -1.15 -12.18 -5.63
C ILE A 152 0.24 -12.38 -6.21
N LEU A 153 0.54 -11.67 -7.29
CA LEU A 153 1.75 -11.91 -8.07
C LEU A 153 2.78 -10.83 -7.75
N SER A 154 3.94 -11.26 -7.21
CA SER A 154 5.09 -10.38 -7.10
C SER A 154 5.74 -10.23 -8.47
N THR A 155 6.25 -9.03 -8.74
CA THR A 155 6.69 -8.73 -10.10
C THR A 155 8.13 -8.24 -10.15
N GLY A 156 8.92 -8.43 -9.09
CA GLY A 156 10.32 -8.08 -9.15
C GLY A 156 11.04 -8.82 -10.26
N MET A 157 12.15 -8.23 -10.71
CA MET A 157 13.06 -8.84 -11.65
C MET A 157 12.44 -9.03 -13.03
N ASN A 158 11.26 -8.47 -13.27
CA ASN A 158 10.52 -8.68 -14.50
C ASN A 158 10.00 -7.36 -15.06
N SER A 159 9.98 -7.29 -16.39
CA SER A 159 9.50 -6.14 -17.13
C SER A 159 7.97 -6.16 -17.21
N ILE A 160 7.39 -4.98 -17.49
CA ILE A 160 5.97 -4.91 -17.81
C ILE A 160 5.63 -5.88 -18.94
N GLU A 161 6.48 -5.95 -19.95
CA GLU A 161 6.24 -6.86 -21.06
C GLU A 161 6.19 -8.32 -20.60
N SER A 162 7.12 -8.71 -19.74
CA SER A 162 7.14 -10.10 -19.31
C SER A 162 5.96 -10.40 -18.40
N ILE A 163 5.53 -9.42 -17.60
CA ILE A 163 4.38 -9.59 -16.71
C ILE A 163 3.08 -9.73 -17.50
N LYS A 164 2.97 -9.07 -18.66
CA LYS A 164 1.76 -9.21 -19.48
C LYS A 164 1.45 -10.68 -19.77
N LYS A 165 2.48 -11.48 -20.03
CA LYS A 165 2.31 -12.91 -20.31
C LYS A 165 1.73 -13.64 -19.11
N SER A 166 2.24 -13.34 -17.92
CA SER A 166 1.66 -13.90 -16.70
C SER A 166 0.21 -13.47 -16.51
N VAL A 167 -0.09 -12.21 -16.78
CA VAL A 167 -1.43 -11.69 -16.52
C VAL A 167 -2.42 -12.26 -17.54
N GLU A 168 -1.99 -12.41 -18.80
CA GLU A 168 -2.84 -13.06 -19.78
C GLU A 168 -3.26 -14.44 -19.30
N ILE A 169 -2.30 -15.27 -18.87
CA ILE A 169 -2.62 -16.58 -18.29
C ILE A 169 -3.63 -16.44 -17.17
N ILE A 170 -3.42 -15.47 -16.28
CA ILE A 170 -4.32 -15.32 -15.13
C ILE A 170 -5.72 -14.93 -15.57
N ARG A 171 -5.83 -13.95 -16.47
CA ARG A 171 -7.14 -13.54 -16.99
C ARG A 171 -7.84 -14.71 -17.66
N GLU A 172 -7.11 -15.47 -18.47
CA GLU A 172 -7.67 -16.65 -19.13
C GLU A 172 -8.36 -17.58 -18.14
N ALA A 173 -7.73 -17.83 -16.99
CA ALA A 173 -8.33 -18.70 -16.00
C ALA A 173 -9.53 -18.05 -15.32
N GLY A 174 -9.63 -16.73 -15.36
CA GLY A 174 -10.78 -16.06 -14.79
C GLY A 174 -10.71 -15.80 -13.31
N VAL A 175 -9.53 -15.72 -12.72
CA VAL A 175 -9.38 -15.42 -11.30
C VAL A 175 -8.94 -13.97 -11.12
N PRO A 176 -9.41 -13.26 -10.11
CA PRO A 176 -8.91 -11.91 -9.85
C PRO A 176 -7.48 -11.98 -9.33
N TYR A 177 -6.75 -10.89 -9.48
CA TYR A 177 -5.33 -10.94 -9.14
C TYR A 177 -4.87 -9.58 -8.62
N ALA A 178 -3.77 -9.62 -7.89
CA ALA A 178 -3.02 -8.45 -7.45
C ALA A 178 -1.62 -8.52 -8.02
N LEU A 179 -1.05 -7.35 -8.26
CA LEU A 179 0.34 -7.19 -8.67
C LEU A 179 1.06 -6.42 -7.58
N LEU A 180 2.09 -7.04 -6.99
CA LEU A 180 2.92 -6.38 -6.01
C LEU A 180 4.20 -5.92 -6.69
N HIS A 181 4.48 -4.64 -6.62
CA HIS A 181 5.81 -4.15 -6.99
C HIS A 181 6.81 -4.66 -5.97
N CYS A 182 8.04 -4.94 -6.43
CA CYS A 182 9.00 -5.68 -5.62
C CYS A 182 10.42 -5.44 -6.13
N THR A 183 11.36 -5.36 -5.20
CA THR A 183 12.79 -5.38 -5.52
C THR A 183 13.42 -6.48 -4.67
N ASN A 184 14.08 -7.42 -5.34
CA ASN A 184 14.54 -8.65 -4.66
C ASN A 184 16.02 -8.58 -4.34
N ILE A 185 16.32 -7.68 -3.41
CA ILE A 185 17.64 -7.57 -2.80
C ILE A 185 17.43 -7.55 -1.30
N TYR A 186 18.16 -8.38 -0.57
CA TYR A 186 17.90 -8.55 0.85
C TYR A 186 19.10 -8.05 1.65
N PRO A 187 19.02 -6.87 2.27
CA PRO A 187 17.87 -5.96 2.25
C PRO A 187 17.89 -5.05 1.03
N THR A 188 16.82 -4.33 0.79
CA THR A 188 16.80 -3.43 -0.36
C THR A 188 17.16 -2.01 0.06
N PRO A 189 18.08 -1.34 -0.63
CA PRO A 189 18.32 0.08 -0.35
C PRO A 189 17.12 0.95 -0.76
N TYR A 190 16.89 2.03 0.00
CA TYR A 190 15.81 2.94 -0.34
C TYR A 190 15.85 3.34 -1.81
N GLU A 191 17.04 3.67 -2.31
CA GLU A 191 17.19 4.21 -3.65
C GLU A 191 16.79 3.22 -4.73
N ASP A 192 16.62 1.94 -4.42
CA ASP A 192 16.25 0.97 -5.43
C ASP A 192 14.77 0.64 -5.41
N VAL A 193 14.01 1.24 -4.50
CA VAL A 193 12.62 0.82 -4.30
C VAL A 193 11.75 1.21 -5.48
N ARG A 194 11.91 2.43 -6.00
CA ARG A 194 11.15 2.96 -7.15
C ARG A 194 9.64 2.78 -6.97
N LEU A 195 9.07 3.55 -6.03
CA LEU A 195 7.63 3.44 -5.79
C LEU A 195 6.82 3.75 -7.04
N GLY A 196 7.37 4.54 -7.97
CA GLY A 196 6.69 4.78 -9.25
C GLY A 196 6.38 3.51 -10.02
N GLY A 197 7.20 2.47 -9.85
CA GLY A 197 6.88 1.18 -10.42
C GLY A 197 5.43 0.78 -10.19
N MET A 198 4.84 1.22 -9.08
CA MET A 198 3.45 0.89 -8.80
C MET A 198 2.51 1.53 -9.81
N ASN A 199 2.74 2.81 -10.15
CA ASN A 199 1.87 3.46 -11.12
C ASN A 199 2.06 2.87 -12.50
N ASP A 200 3.30 2.52 -12.84
CA ASP A 200 3.54 1.82 -14.11
C ASP A 200 2.68 0.57 -14.19
N LEU A 201 2.61 -0.20 -13.09
CA LEU A 201 1.85 -1.43 -13.07
C LEU A 201 0.34 -1.16 -13.21
N SER A 202 -0.20 -0.24 -12.41
CA SER A 202 -1.64 -0.02 -12.53
C SER A 202 -1.99 0.57 -13.89
N GLU A 203 -1.08 1.34 -14.50
CA GLU A 203 -1.39 1.88 -15.81
C GLU A 203 -1.40 0.77 -16.86
N ALA A 204 -0.46 -0.17 -16.76
CA ALA A 204 -0.37 -1.23 -17.75
C ALA A 204 -1.51 -2.24 -17.59
N PHE A 205 -2.03 -2.41 -16.37
CA PHE A 205 -3.00 -3.47 -16.05
C PHE A 205 -4.12 -2.85 -15.23
N PRO A 206 -5.09 -2.20 -15.88
CA PRO A 206 -6.11 -1.44 -15.12
C PRO A 206 -7.02 -2.30 -14.27
N ASP A 207 -7.05 -3.62 -14.44
CA ASP A 207 -7.93 -4.47 -13.64
C ASP A 207 -7.24 -5.11 -12.42
N ALA A 208 -5.98 -4.79 -12.16
CA ALA A 208 -5.23 -5.39 -11.07
C ALA A 208 -5.39 -4.61 -9.77
N ILE A 209 -5.41 -5.33 -8.66
CA ILE A 209 -5.20 -4.71 -7.35
C ILE A 209 -3.69 -4.50 -7.20
N ILE A 210 -3.28 -3.34 -6.68
CA ILE A 210 -1.86 -2.99 -6.64
C ILE A 210 -1.37 -2.89 -5.19
N GLY A 211 -0.16 -3.38 -4.97
CA GLY A 211 0.46 -3.30 -3.66
C GLY A 211 1.97 -3.32 -3.77
N LEU A 212 2.64 -3.52 -2.63
CA LEU A 212 4.10 -3.57 -2.59
C LEU A 212 4.53 -4.74 -1.73
N SER A 213 5.45 -5.52 -2.24
CA SER A 213 6.25 -6.45 -1.46
C SER A 213 7.57 -5.74 -1.19
N ASP A 214 8.04 -5.80 0.05
CA ASP A 214 9.16 -4.94 0.41
C ASP A 214 10.23 -5.70 1.17
N HIS A 215 11.48 -5.28 0.95
CA HIS A 215 12.61 -5.88 1.64
C HIS A 215 13.60 -4.82 2.15
N THR A 216 13.16 -3.59 2.34
CA THR A 216 13.95 -2.59 3.02
C THR A 216 13.98 -2.88 4.53
N LEU A 217 14.76 -2.09 5.26
CA LEU A 217 14.96 -2.29 6.70
C LEU A 217 13.86 -1.69 7.57
N ASP A 218 12.87 -0.98 7.02
CA ASP A 218 11.89 -0.35 7.88
C ASP A 218 10.58 -0.19 7.11
N ASN A 219 9.70 0.68 7.62
CA ASN A 219 8.33 0.77 7.15
C ASN A 219 8.12 1.87 6.12
N TYR A 220 9.14 2.69 5.83
CA TYR A 220 8.88 3.89 5.03
C TYR A 220 8.40 3.55 3.63
N ALA A 221 9.00 2.54 3.00
CA ALA A 221 8.57 2.17 1.64
C ALA A 221 7.11 1.75 1.65
N CYS A 222 6.72 0.94 2.63
CA CYS A 222 5.34 0.49 2.67
C CYS A 222 4.38 1.64 2.94
N LEU A 223 4.77 2.60 3.78
CA LEU A 223 3.92 3.75 4.03
C LEU A 223 3.72 4.58 2.75
N GLY A 224 4.80 4.80 1.99
CA GLY A 224 4.66 5.49 0.72
C GLY A 224 3.81 4.71 -0.27
N ALA A 225 3.89 3.38 -0.22
CA ALA A 225 3.04 2.59 -1.10
C ALA A 225 1.56 2.82 -0.78
N VAL A 226 1.21 2.92 0.50
CA VAL A 226 -0.18 3.19 0.87
C VAL A 226 -0.61 4.57 0.37
N ALA A 227 0.25 5.59 0.56
CA ALA A 227 -0.08 6.92 0.07
C ALA A 227 -0.32 6.92 -1.44
N LEU A 228 0.35 6.02 -2.16
CA LEU A 228 0.21 5.95 -3.61
C LEU A 228 -1.00 5.13 -4.04
N GLY A 229 -1.77 4.58 -3.11
CA GLY A 229 -2.90 3.75 -3.47
C GLY A 229 -2.70 2.27 -3.26
N GLY A 230 -1.57 1.84 -2.70
CA GLY A 230 -1.34 0.41 -2.54
C GLY A 230 -2.39 -0.21 -1.63
N SER A 231 -2.83 -1.41 -2.00
CA SER A 231 -3.84 -2.13 -1.24
C SER A 231 -3.31 -3.31 -0.44
N ILE A 232 -2.15 -3.83 -0.79
CA ILE A 232 -1.55 -4.98 -0.12
C ILE A 232 -0.13 -4.61 0.22
N LEU A 233 0.29 -4.90 1.46
CA LEU A 233 1.64 -4.63 1.91
C LEU A 233 2.23 -5.95 2.41
N GLU A 234 3.40 -6.31 1.92
CA GLU A 234 4.04 -7.55 2.33
C GLU A 234 5.43 -7.24 2.86
N ARG A 235 5.68 -7.64 4.11
CA ARG A 235 7.02 -7.66 4.67
C ARG A 235 7.25 -9.02 5.32
N HIS A 236 8.52 -9.37 5.47
CA HIS A 236 8.83 -10.53 6.29
C HIS A 236 8.50 -10.21 7.74
N PHE A 237 8.24 -11.28 8.50
CA PHE A 237 7.82 -11.16 9.89
C PHE A 237 8.57 -12.13 10.77
N THR A 238 9.03 -11.65 11.92
CA THR A 238 9.63 -12.48 12.95
C THR A 238 9.06 -12.09 14.30
N ASP A 239 9.13 -12.99 15.27
CA ASP A 239 8.74 -12.63 16.62
C ASP A 239 9.78 -11.72 17.27
N ARG A 240 11.06 -11.95 17.00
CA ARG A 240 12.09 -11.06 17.51
C ARG A 240 13.26 -10.98 16.54
N MET A 241 13.94 -9.82 16.54
CA MET A 241 14.99 -9.54 15.57
C MET A 241 16.26 -10.33 15.82
N ASP A 242 16.39 -11.01 16.96
CA ASP A 242 17.64 -11.70 17.23
C ASP A 242 17.71 -13.09 16.59
N ARG A 243 16.65 -13.55 15.93
CA ARG A 243 16.63 -14.87 15.32
C ARG A 243 17.70 -15.01 14.24
N PRO A 244 18.10 -16.22 13.92
CA PRO A 244 18.95 -16.47 12.76
C PRO A 244 18.12 -16.75 11.50
N GLY A 245 18.70 -16.41 10.35
CA GLY A 245 18.04 -16.60 9.08
C GLY A 245 18.36 -15.49 8.09
N PRO A 246 18.35 -15.84 6.79
CA PRO A 246 18.75 -14.85 5.76
C PRO A 246 17.72 -13.77 5.53
N ASP A 247 16.47 -13.98 5.91
CA ASP A 247 15.42 -12.99 5.74
C ASP A 247 15.11 -12.21 7.00
N ILE A 248 15.68 -12.58 8.15
CA ILE A 248 15.32 -11.91 9.39
C ILE A 248 15.60 -10.42 9.31
N VAL A 249 16.71 -10.05 8.66
CA VAL A 249 17.21 -8.67 8.73
C VAL A 249 16.14 -7.66 8.32
N CYS A 250 15.33 -8.01 7.31
CA CYS A 250 14.38 -7.06 6.75
C CYS A 250 12.95 -7.33 7.23
N SER A 251 12.78 -8.07 8.32
CA SER A 251 11.46 -8.45 8.80
C SER A 251 10.88 -7.41 9.76
N MET A 252 9.55 -7.28 9.74
CA MET A 252 8.85 -6.65 10.85
C MET A 252 8.91 -7.56 12.06
N ASN A 253 8.78 -6.96 13.24
CA ASN A 253 8.43 -7.67 14.46
C ASN A 253 7.10 -7.11 14.94
N PRO A 254 6.57 -7.58 16.07
CA PRO A 254 5.27 -7.08 16.54
C PRO A 254 5.22 -5.56 16.68
N ASP A 255 6.26 -4.93 17.23
CA ASP A 255 6.23 -3.49 17.40
C ASP A 255 6.12 -2.78 16.04
N THR A 256 7.00 -3.12 15.09
CA THR A 256 6.99 -2.41 13.82
C THR A 256 5.82 -2.81 12.93
N PHE A 257 5.31 -4.04 13.07
CA PHE A 257 4.02 -4.36 12.45
C PHE A 257 2.93 -3.40 12.93
N LYS A 258 2.85 -3.17 14.24
CA LYS A 258 1.81 -2.28 14.76
C LYS A 258 1.96 -0.86 14.21
N GLU A 259 3.20 -0.35 14.16
CA GLU A 259 3.44 0.96 13.57
C GLU A 259 2.96 1.01 12.13
N LEU A 260 3.31 -0.01 11.33
CA LEU A 260 2.89 -0.01 9.93
C LEU A 260 1.38 -0.08 9.82
N LYS A 261 0.73 -0.92 10.63
CA LYS A 261 -0.72 -0.99 10.60
C LYS A 261 -1.34 0.38 10.90
N GLN A 262 -0.80 1.08 11.89
CA GLN A 262 -1.33 2.39 12.24
C GLN A 262 -1.04 3.42 11.14
N GLY A 263 0.18 3.40 10.59
CA GLY A 263 0.48 4.31 9.50
C GLY A 263 -0.37 4.04 8.28
N ALA A 264 -0.61 2.77 7.98
CA ALA A 264 -1.39 2.42 6.80
C ALA A 264 -2.82 2.90 6.94
N HIS A 265 -3.38 2.80 8.15
CA HIS A 265 -4.73 3.25 8.39
C HIS A 265 -4.85 4.76 8.19
N ALA A 266 -3.90 5.51 8.72
CA ALA A 266 -3.92 6.96 8.53
C ALA A 266 -3.84 7.31 7.05
N LEU A 267 -2.92 6.66 6.33
CA LEU A 267 -2.69 7.02 4.93
C LEU A 267 -3.80 6.52 4.02
N LYS A 268 -4.47 5.42 4.39
CA LYS A 268 -5.67 5.04 3.67
C LYS A 268 -6.71 6.16 3.72
N LEU A 269 -6.86 6.80 4.89
CA LEU A 269 -7.86 7.85 5.02
C LEU A 269 -7.44 9.12 4.28
N ALA A 270 -6.15 9.44 4.33
CA ALA A 270 -5.64 10.71 3.78
C ALA A 270 -5.43 10.67 2.27
N ARG A 271 -5.22 9.51 1.69
CA ARG A 271 -4.82 9.47 0.29
C ARG A 271 -5.99 9.79 -0.63
N GLY A 272 -5.65 10.12 -1.88
CA GLY A 272 -6.66 10.30 -2.90
C GLY A 272 -7.40 11.62 -2.79
N GLY A 273 -8.65 11.60 -3.24
CA GLY A 273 -9.47 12.79 -3.20
C GLY A 273 -9.01 13.84 -4.21
N LYS A 274 -9.68 14.99 -4.14
CA LYS A 274 -9.55 16.03 -5.15
C LYS A 274 -9.34 17.39 -4.48
N LYS A 275 -8.54 18.23 -5.14
CA LYS A 275 -8.18 19.51 -4.55
C LYS A 275 -9.41 20.38 -4.31
N ASP A 276 -10.36 20.35 -5.25
CA ASP A 276 -11.47 21.28 -5.23
C ASP A 276 -12.58 20.91 -4.23
N THR A 277 -12.51 19.71 -3.64
CA THR A 277 -13.50 19.33 -2.65
C THR A 277 -13.59 20.37 -1.54
N ILE A 278 -14.82 20.77 -1.20
CA ILE A 278 -15.07 21.78 -0.18
C ILE A 278 -15.27 21.08 1.15
N ILE A 279 -14.42 21.41 2.12
CA ILE A 279 -14.40 20.72 3.40
C ILE A 279 -15.19 21.59 4.38
N ALA A 280 -16.34 21.08 4.82
CA ALA A 280 -17.21 21.85 5.71
C ALA A 280 -16.45 22.37 6.93
N GLY A 281 -15.47 21.60 7.42
CA GLY A 281 -14.73 21.99 8.61
C GLY A 281 -13.91 23.25 8.45
N GLU A 282 -13.58 23.63 7.21
CA GLU A 282 -12.82 24.86 6.96
C GLU A 282 -13.68 26.12 7.06
N LYS A 283 -15.00 26.00 7.03
CA LYS A 283 -15.89 27.16 6.97
C LYS A 283 -15.59 28.22 8.03
N PRO A 284 -15.42 27.89 9.31
CA PRO A 284 -15.07 28.93 10.28
C PRO A 284 -13.78 29.67 9.95
N THR A 285 -12.84 29.02 9.26
CA THR A 285 -11.58 29.66 8.92
C THR A 285 -11.76 30.67 7.78
N LYS A 286 -12.48 30.26 6.73
CA LYS A 286 -12.79 31.18 5.65
C LYS A 286 -13.45 32.44 6.18
N ASP A 287 -14.42 32.28 7.09
CA ASP A 287 -15.18 33.44 7.55
C ASP A 287 -14.28 34.46 8.25
N PHE A 288 -13.26 34.01 9.00
CA PHE A 288 -12.40 34.99 9.67
C PHE A 288 -11.19 35.39 8.82
N ALA A 289 -10.72 34.51 7.94
CA ALA A 289 -9.43 34.72 7.30
C ALA A 289 -9.50 35.42 5.94
N PHE A 290 -10.55 35.23 5.15
CA PHE A 290 -10.67 35.95 3.89
C PHE A 290 -10.86 37.45 4.15
N ALA A 291 -10.38 38.25 3.21
CA ALA A 291 -10.43 39.69 3.35
C ALA A 291 -11.67 40.27 2.67
N SER A 292 -12.10 41.43 3.17
CA SER A 292 -13.17 42.24 2.59
C SER A 292 -12.64 43.62 2.23
N VAL A 293 -13.35 44.33 1.36
CA VAL A 293 -12.90 45.65 0.92
C VAL A 293 -13.26 46.69 1.98
N VAL A 294 -12.27 47.51 2.34
CA VAL A 294 -12.46 48.57 3.32
C VAL A 294 -11.96 49.87 2.72
N ALA A 295 -12.46 50.98 3.27
CA ALA A 295 -11.90 52.28 2.92
C ALA A 295 -10.46 52.37 3.41
N ASP A 296 -9.59 52.90 2.55
CA ASP A 296 -8.20 53.13 2.93
C ASP A 296 -7.93 54.56 3.39
N LYS A 297 -8.87 55.49 3.13
CA LYS A 297 -8.85 56.84 3.66
C LYS A 297 -10.29 57.27 3.93
N ASP A 298 -10.45 58.43 4.55
CA ASP A 298 -11.76 59.08 4.51
C ASP A 298 -12.09 59.41 3.07
N ILE A 299 -13.31 59.09 2.65
CA ILE A 299 -13.78 59.38 1.31
C ILE A 299 -15.01 60.26 1.44
N LYS A 300 -14.98 61.42 0.79
CA LYS A 300 -16.11 62.34 0.89
C LYS A 300 -17.23 61.89 -0.04
N LYS A 301 -18.45 62.15 0.39
CA LYS A 301 -19.62 61.92 -0.47
C LYS A 301 -19.35 62.51 -1.84
N GLY A 302 -19.62 61.72 -2.87
CA GLY A 302 -19.45 62.15 -4.25
C GLY A 302 -18.08 61.94 -4.85
N GLU A 303 -17.10 61.50 -4.05
CA GLU A 303 -15.78 61.18 -4.55
C GLU A 303 -15.77 59.82 -5.22
N LEU A 304 -14.84 59.62 -6.15
CA LEU A 304 -14.72 58.32 -6.83
C LEU A 304 -13.88 57.36 -6.02
N LEU A 305 -14.30 56.10 -6.00
CA LEU A 305 -13.52 55.05 -5.35
C LEU A 305 -12.40 54.59 -6.29
N SER A 306 -11.21 54.42 -5.72
CA SER A 306 -10.05 54.07 -6.53
C SER A 306 -9.21 53.06 -5.77
N GLY A 307 -8.16 52.58 -6.44
CA GLY A 307 -7.17 51.75 -5.79
C GLY A 307 -6.37 52.53 -4.77
N ASP A 308 -6.61 53.84 -4.70
CA ASP A 308 -5.89 54.73 -3.80
C ASP A 308 -6.61 54.97 -2.48
N ASN A 309 -7.94 54.88 -2.46
CA ASN A 309 -8.71 55.03 -1.23
C ASN A 309 -9.42 53.73 -0.83
N LEU A 310 -9.07 52.61 -1.46
CA LEU A 310 -9.60 51.30 -1.10
C LEU A 310 -8.47 50.35 -0.74
N TRP A 311 -8.76 49.41 0.15
CA TRP A 311 -7.87 48.28 0.39
C TRP A 311 -8.72 47.11 0.88
N VAL A 312 -8.07 46.07 1.38
CA VAL A 312 -8.74 44.83 1.77
C VAL A 312 -8.18 44.36 3.11
N LYS A 313 -9.07 43.96 4.02
CA LYS A 313 -8.70 43.54 5.36
C LYS A 313 -9.61 42.40 5.79
N ARG A 314 -9.11 41.56 6.70
CA ARG A 314 -9.96 40.59 7.40
C ARG A 314 -10.98 41.32 8.27
N PRO A 315 -12.11 40.67 8.61
CA PRO A 315 -12.53 39.32 8.20
C PRO A 315 -13.36 39.36 6.92
N GLY A 316 -14.03 38.25 6.59
CA GLY A 316 -14.66 38.01 5.31
C GLY A 316 -16.11 38.40 5.17
N ASN A 317 -16.70 39.09 6.15
CA ASN A 317 -18.14 39.34 6.16
C ASN A 317 -18.54 40.66 5.51
N GLY A 318 -17.61 41.33 4.85
CA GLY A 318 -17.95 42.57 4.17
C GLY A 318 -18.90 42.39 3.00
N ASP A 319 -19.61 43.48 2.67
CA ASP A 319 -20.48 43.47 1.50
C ASP A 319 -19.71 43.12 0.24
N PHE A 320 -18.44 43.51 0.16
CA PHE A 320 -17.62 43.30 -1.01
C PHE A 320 -16.38 42.49 -0.62
N SER A 321 -16.20 41.34 -1.26
CA SER A 321 -15.04 40.50 -0.99
C SER A 321 -13.82 41.02 -1.76
N VAL A 322 -12.63 40.55 -1.35
CA VAL A 322 -11.40 40.93 -2.03
C VAL A 322 -11.43 40.52 -3.49
N ASN A 323 -12.33 39.60 -3.87
CA ASN A 323 -12.46 39.20 -5.26
C ASN A 323 -13.11 40.30 -6.10
N GLU A 324 -13.92 41.18 -5.49
CA GLU A 324 -14.59 42.27 -6.17
C GLU A 324 -13.86 43.60 -6.00
N TYR A 325 -12.65 43.57 -5.46
CA TYR A 325 -11.91 44.80 -5.17
C TYR A 325 -11.91 45.76 -6.35
N GLU A 326 -11.49 45.28 -7.53
CA GLU A 326 -11.32 46.20 -8.67
C GLU A 326 -12.65 46.62 -9.27
N THR A 327 -13.73 45.90 -9.01
CA THR A 327 -15.03 46.31 -9.53
C THR A 327 -15.56 47.56 -8.85
N LEU A 328 -14.96 47.99 -7.75
CA LEU A 328 -15.40 49.22 -7.08
C LEU A 328 -14.70 50.47 -7.62
N PHE A 329 -13.69 50.32 -8.45
CA PHE A 329 -13.00 51.48 -8.99
C PHE A 329 -13.95 52.25 -9.90
N GLY A 330 -14.03 53.56 -9.68
CA GLY A 330 -14.93 54.39 -10.46
C GLY A 330 -16.30 54.59 -9.83
N LYS A 331 -16.73 53.71 -8.94
CA LYS A 331 -17.98 53.92 -8.23
C LYS A 331 -17.95 55.26 -7.48
N VAL A 332 -19.13 55.77 -7.21
CA VAL A 332 -19.29 57.09 -6.58
C VAL A 332 -19.69 56.89 -5.12
N ALA A 333 -18.94 57.52 -4.22
CA ALA A 333 -19.29 57.52 -2.81
C ALA A 333 -20.67 58.14 -2.61
N ALA A 334 -21.64 57.33 -2.16
CA ALA A 334 -22.99 57.80 -1.92
C ALA A 334 -23.13 58.54 -0.61
N CYS A 335 -22.12 58.48 0.25
CA CYS A 335 -22.04 59.26 1.48
C CYS A 335 -20.56 59.39 1.86
N ASN A 336 -20.30 60.09 2.96
CA ASN A 336 -18.97 60.07 3.56
C ASN A 336 -18.63 58.67 4.05
N ILE A 337 -17.43 58.19 3.70
CA ILE A 337 -16.96 56.87 4.11
C ILE A 337 -15.80 57.03 5.07
N ARG A 338 -15.89 56.37 6.21
CA ARG A 338 -14.86 56.46 7.25
C ARG A 338 -13.68 55.56 6.90
N LYS A 339 -12.48 56.13 7.01
CA LYS A 339 -11.24 55.35 6.87
C LYS A 339 -11.28 54.09 7.73
N GLY A 340 -10.98 52.95 7.12
CA GLY A 340 -10.99 51.69 7.82
C GLY A 340 -12.33 50.99 7.88
N ALA A 341 -13.43 51.67 7.54
CA ALA A 341 -14.72 50.99 7.49
C ALA A 341 -14.82 50.08 6.27
N GLN A 342 -15.55 48.97 6.41
CA GLN A 342 -15.83 48.14 5.26
C GLN A 342 -16.70 48.90 4.26
N ILE A 343 -16.43 48.72 2.97
CA ILE A 343 -17.30 49.30 1.96
C ILE A 343 -18.64 48.56 2.00
N LYS A 344 -19.73 49.30 2.22
CA LYS A 344 -21.08 48.76 2.17
C LYS A 344 -21.75 49.02 0.83
N LYS A 345 -22.68 48.13 0.44
CA LYS A 345 -23.49 48.32 -0.76
C LYS A 345 -24.11 49.71 -0.81
N THR A 346 -24.48 50.26 0.34
CA THR A 346 -25.09 51.58 0.43
C THR A 346 -24.06 52.71 0.42
N ASP A 347 -22.77 52.38 0.36
CA ASP A 347 -21.77 53.44 0.29
C ASP A 347 -21.52 53.92 -1.14
N ILE A 348 -22.09 53.26 -2.15
CA ILE A 348 -21.85 53.64 -3.53
C ILE A 348 -23.18 53.86 -4.26
N GLU A 349 -23.17 54.82 -5.18
CA GLU A 349 -24.34 55.11 -6.03
C GLU A 349 -24.61 53.96 -6.98
C01 OVY B . 12.94 -15.72 -3.81
C02 OVY B . 13.79 -15.04 -4.90
C03 OVY B . 12.05 -15.42 -1.43
C04 OVY B . 12.93 -15.28 -0.16
C05 OVY B . 14.23 -16.08 -0.29
C06 OVY B . 15.33 -16.04 0.78
C07 OVY B . 16.34 -17.14 0.51
C08 OVY B . 10.80 -14.50 -1.34
C09 OVY B . 9.89 -14.70 -2.56
C10 OVY B . 8.46 -14.23 -2.53
C11 OVY B . 7.37 -15.06 -1.84
N01 OVY B . 12.79 -15.03 -2.65
N02 OVY B . 8.04 -13.16 -3.11
O01 OVY B . 12.42 -16.84 -3.98
O02 OVY B . 12.26 -15.76 1.01
O03 OVY B . 13.90 -17.47 -0.46
O04 OVY B . 15.89 -14.73 0.59
O05 OVY B . 17.65 -16.65 0.89
O06 OVY B . 11.24 -13.14 -1.29
O07 OVY B . 7.82 -15.80 -0.90
O08 OVY B . 6.22 -14.96 -2.25
O09 OVY B . 9.04 -12.36 -3.80
H03 OVY B . 14.54 -15.58 -5.18
H01 OVY B . 14.16 -14.19 -4.62
H02 OVY B . 13.28 -14.85 -5.71
H05 OVY B . 11.76 -16.34 -1.53
H06 OVY B . 13.11 -14.33 -0.04
H08 OVY B . 14.72 -15.64 -1.00
H10 OVY B . 15.00 -16.14 1.69
H12 OVY B . 16.34 -17.35 -0.44
H13 OVY B . 16.13 -17.93 1.02
H15 OVY B . 10.35 -14.72 -0.50
H18 OVY B . 10.30 -14.27 -3.32
H17 OVY B . 9.86 -15.64 -2.77
H04 OVY B . 13.15 -14.26 -2.55
H07 OVY B . 11.46 -15.49 1.08
H09 OVY B . 13.54 -17.63 -1.20
H11 OVY B . 16.62 -14.64 1.02
H14 OVY B . 18.05 -17.15 1.46
H16 OVY B . 10.79 -12.75 -0.69
H19 OVY B . 9.17 -12.76 -4.53
#